data_5TC4
#
_entry.id   5TC4
#
_cell.length_a   74.323
_cell.length_b   74.323
_cell.length_c   98.620
_cell.angle_alpha   90.00
_cell.angle_beta   90.00
_cell.angle_gamma   90.00
#
_symmetry.space_group_name_H-M   'I 4'
#
loop_
_entity.id
_entity.type
_entity.pdbx_description
1 polymer 'Bifunctional methylenetetrahydrofolate dehydrogenase/cyclohydrolase, mitochondrial'
2 non-polymer NICOTINAMIDE-ADENINE-DINUCLEOTIDE
3 non-polymer '4-(7-AMINO-9-HYDROXY-1-OXO-3,3A,4,5-TETRAHYDRO-2,5,6,8,9B-PENTAAZA-CYCLOPENTA[A]NAPHTHALEN-2-YL)-PHENYLCARBONYL-GLUTAMI C ACID'
4 non-polymer 'PHOSPHATE ION'
5 water water
#
_entity_poly.entity_id   1
_entity_poly.type   'polypeptide(L)'
_entity_poly.pdbx_seq_one_letter_code
;MEAVVISGRKLAQQIKQEVRQEVEEWVASGNKRPHLSVILVGENPASHSYVLNKTRAAAVVGINSETIMKPASISEEELL
NLINKLNNDDNVDGLLVQLPLPEHIDERRICNAVSPDKDVDGFHVINVGRMCLDQYSMLPATPWGVWEIIKRTGIPTLGK
NVVVAGRSKNVGMPIAMLLHTDGAHERPGGDATVTISHRYTPKEQLKKHTILADIVISAAGIPNLITADMIKEGAAVIDV
GINRVHDPVTAKPKLVGDVDFEGVRQKAGYITPVPGGVGPMTVAMLMKNTIIAAKKVLRLEEREVLKSKELGVATN
;
_entity_poly.pdbx_strand_id   A
#
# COMPACT_ATOMS: atom_id res chain seq x y z
N GLU A 2 -11.26 -19.53 16.78
CA GLU A 2 -11.51 -19.00 15.39
C GLU A 2 -11.34 -17.46 15.24
N ALA A 3 -10.28 -17.13 14.49
CA ALA A 3 -9.97 -15.78 14.03
C ALA A 3 -11.14 -15.24 13.18
N VAL A 4 -11.44 -13.94 13.37
CA VAL A 4 -12.29 -13.16 12.47
C VAL A 4 -11.40 -12.98 11.23
N VAL A 5 -11.91 -13.42 10.11
CA VAL A 5 -11.28 -13.23 8.83
C VAL A 5 -11.78 -11.89 8.27
N ILE A 6 -10.89 -10.93 8.15
CA ILE A 6 -11.32 -9.56 7.79
C ILE A 6 -11.35 -9.58 6.27
N SER A 7 -12.41 -9.08 5.68
CA SER A 7 -12.49 -9.04 4.25
C SER A 7 -11.92 -7.69 3.77
N GLY A 8 -10.79 -7.69 3.11
CA GLY A 8 -10.28 -6.41 2.56
C GLY A 8 -11.17 -5.98 1.37
N ARG A 9 -11.80 -6.95 0.71
CA ARG A 9 -12.78 -6.68 -0.33
C ARG A 9 -13.95 -5.85 0.15
N LYS A 10 -14.55 -6.21 1.27
CA LYS A 10 -15.63 -5.42 1.85
C LYS A 10 -15.20 -4.03 2.35
N LEU A 11 -14.09 -3.96 3.08
CA LEU A 11 -13.52 -2.70 3.43
C LEU A 11 -13.23 -1.84 2.22
N ALA A 12 -12.63 -2.41 1.19
CA ALA A 12 -12.26 -1.63 0.01
C ALA A 12 -13.50 -1.04 -0.71
N GLN A 13 -14.57 -1.84 -0.75
CA GLN A 13 -15.84 -1.36 -1.26
C GLN A 13 -16.32 -0.19 -0.43
N GLN A 14 -16.21 -0.23 0.91
CA GLN A 14 -16.62 0.92 1.74
C GLN A 14 -15.81 2.16 1.28
N ILE A 15 -14.51 2.00 1.18
CA ILE A 15 -13.63 3.11 0.95
C ILE A 15 -13.94 3.65 -0.41
N LYS A 16 -14.18 2.76 -1.37
CA LYS A 16 -14.60 3.19 -2.71
C LYS A 16 -15.96 3.90 -2.75
N GLN A 17 -16.92 3.52 -1.91
CA GLN A 17 -18.16 4.25 -1.81
C GLN A 17 -17.91 5.69 -1.35
N GLU A 18 -17.00 5.85 -0.40
CA GLU A 18 -16.64 7.14 0.19
C GLU A 18 -15.98 8.07 -0.86
N VAL A 19 -15.07 7.51 -1.64
CA VAL A 19 -14.36 8.21 -2.67
C VAL A 19 -15.34 8.62 -3.77
N ARG A 20 -16.26 7.74 -4.14
CA ARG A 20 -17.20 8.06 -5.17
C ARG A 20 -17.98 9.27 -4.73
N GLN A 21 -18.55 9.23 -3.56
CA GLN A 21 -19.20 10.41 -3.00
C GLN A 21 -18.37 11.70 -3.06
N GLU A 22 -17.14 11.57 -2.57
CA GLU A 22 -16.23 12.73 -2.53
C GLU A 22 -16.05 13.28 -3.95
N VAL A 23 -15.86 12.37 -4.89
CA VAL A 23 -15.67 12.73 -6.25
C VAL A 23 -16.97 13.30 -6.85
N GLU A 24 -18.10 12.66 -6.58
CA GLU A 24 -19.33 13.16 -7.12
C GLU A 24 -19.58 14.56 -6.55
N GLU A 25 -19.17 14.82 -5.30
CA GLU A 25 -19.36 16.16 -4.72
C GLU A 25 -18.35 17.26 -5.22
N TRP A 26 -17.11 16.85 -5.57
CA TRP A 26 -16.10 17.72 -6.21
C TRP A 26 -16.61 18.20 -7.58
N VAL A 27 -17.10 17.26 -8.36
CA VAL A 27 -17.50 17.53 -9.73
C VAL A 27 -18.81 18.34 -9.77
N ALA A 28 -19.78 17.88 -9.00
CA ALA A 28 -21.03 18.59 -8.71
C ALA A 28 -20.89 20.08 -8.45
N SER A 29 -19.80 20.46 -7.79
CA SER A 29 -19.55 21.84 -7.46
C SER A 29 -18.74 22.60 -8.52
N GLY A 30 -18.58 22.04 -9.73
CA GLY A 30 -17.96 22.72 -10.87
C GLY A 30 -16.49 22.47 -11.14
N ASN A 31 -15.79 21.62 -10.37
CA ASN A 31 -14.37 21.35 -10.65
C ASN A 31 -14.21 20.28 -11.67
N LYS A 32 -13.04 20.25 -12.26
CA LYS A 32 -12.68 19.19 -13.18
C LYS A 32 -12.67 17.78 -12.49
N ARG A 33 -13.26 16.80 -13.20
CA ARG A 33 -13.17 15.38 -12.82
C ARG A 33 -11.71 14.94 -12.56
N PRO A 34 -11.46 14.24 -11.47
CA PRO A 34 -10.05 13.87 -11.35
C PRO A 34 -9.57 12.88 -12.42
N HIS A 35 -8.27 13.01 -12.74
CA HIS A 35 -7.60 12.23 -13.74
C HIS A 35 -6.30 11.62 -13.21
N LEU A 36 -6.20 10.29 -13.39
CA LEU A 36 -5.11 9.53 -12.94
C LEU A 36 -4.45 9.00 -14.17
N SER A 37 -3.17 9.28 -14.32
CA SER A 37 -2.32 8.68 -15.35
C SER A 37 -1.38 7.60 -14.81
N VAL A 38 -1.38 6.44 -15.44
CA VAL A 38 -0.47 5.32 -15.01
C VAL A 38 0.45 4.96 -16.15
N ILE A 39 1.76 5.03 -15.91
CA ILE A 39 2.75 4.57 -16.92
C ILE A 39 3.10 3.08 -16.65
N LEU A 40 2.90 2.26 -17.65
CA LEU A 40 3.20 0.85 -17.49
C LEU A 40 4.25 0.49 -18.57
N VAL A 41 5.42 0.09 -18.12
CA VAL A 41 6.44 -0.28 -19.04
C VAL A 41 6.58 -1.82 -19.14
N GLY A 42 6.67 -2.36 -20.33
CA GLY A 42 6.93 -3.81 -20.42
C GLY A 42 5.69 -4.64 -20.34
N GLU A 43 5.89 -5.95 -20.21
CA GLU A 43 4.92 -6.97 -20.49
C GLU A 43 4.66 -7.89 -19.28
N ASN A 44 5.09 -7.47 -18.10
CA ASN A 44 4.91 -8.28 -16.88
C ASN A 44 3.45 -8.59 -16.57
N PRO A 45 3.05 -9.86 -16.50
CA PRO A 45 1.59 -10.01 -16.40
C PRO A 45 0.99 -9.53 -15.14
N ALA A 46 1.72 -9.67 -14.06
CA ALA A 46 1.15 -9.29 -12.78
C ALA A 46 1.00 -7.72 -12.81
N SER A 47 1.98 -7.06 -13.35
CA SER A 47 1.98 -5.59 -13.51
C SER A 47 0.71 -5.14 -14.25
N HIS A 48 0.39 -5.89 -15.31
CA HIS A 48 -0.80 -5.56 -16.17
C HIS A 48 -2.07 -5.79 -15.45
N SER A 49 -2.12 -6.89 -14.70
CA SER A 49 -3.29 -7.18 -13.94
C SER A 49 -3.50 -6.12 -12.80
N TYR A 50 -2.45 -5.69 -12.15
CA TYR A 50 -2.62 -4.72 -11.04
C TYR A 50 -3.05 -3.35 -11.53
N VAL A 51 -2.46 -2.94 -12.66
CA VAL A 51 -2.86 -1.67 -13.30
C VAL A 51 -4.29 -1.70 -13.75
N LEU A 52 -4.72 -2.83 -14.31
CA LEU A 52 -6.11 -3.00 -14.70
C LEU A 52 -7.07 -2.89 -13.43
N ASN A 53 -6.64 -3.44 -12.28
CA ASN A 53 -7.45 -3.29 -11.05
C ASN A 53 -7.57 -1.87 -10.66
N LYS A 54 -6.49 -1.13 -10.88
CA LYS A 54 -6.45 0.28 -10.56
C LYS A 54 -7.33 1.08 -11.49
N THR A 55 -7.34 0.79 -12.77
CA THR A 55 -8.14 1.60 -13.71
C THR A 55 -9.65 1.31 -13.59
N ARG A 56 -9.97 0.04 -13.24
CA ARG A 56 -11.38 -0.34 -12.95
C ARG A 56 -11.92 0.32 -11.68
N ALA A 57 -11.09 0.34 -10.66
CA ALA A 57 -11.44 1.02 -9.43
C ALA A 57 -11.66 2.51 -9.71
N ALA A 58 -10.81 3.10 -10.53
CA ALA A 58 -10.97 4.51 -10.87
C ALA A 58 -12.34 4.70 -11.58
N ALA A 59 -12.63 3.83 -12.54
CA ALA A 59 -13.87 4.00 -13.25
C ALA A 59 -15.04 3.84 -12.30
N VAL A 60 -15.00 2.93 -11.36
CA VAL A 60 -16.14 2.80 -10.43
C VAL A 60 -16.32 3.94 -9.43
N VAL A 61 -15.26 4.67 -9.01
CA VAL A 61 -15.42 5.85 -8.17
C VAL A 61 -15.52 7.19 -8.94
N GLY A 62 -15.56 7.13 -10.28
CA GLY A 62 -15.77 8.34 -11.12
C GLY A 62 -14.49 9.11 -11.45
N ILE A 63 -13.35 8.46 -11.40
CA ILE A 63 -12.08 9.05 -11.73
C ILE A 63 -11.67 8.64 -13.12
N ASN A 64 -11.32 9.60 -14.00
CA ASN A 64 -10.79 9.28 -15.32
C ASN A 64 -9.39 8.75 -15.17
N SER A 65 -9.05 7.81 -16.03
CA SER A 65 -7.73 7.22 -16.02
C SER A 65 -7.21 7.00 -17.38
N GLU A 66 -5.89 7.10 -17.52
CA GLU A 66 -5.29 6.57 -18.74
C GLU A 66 -4.12 5.70 -18.38
N THR A 67 -3.96 4.68 -19.19
CA THR A 67 -2.81 3.83 -19.10
C THR A 67 -1.89 4.09 -20.25
N ILE A 68 -0.73 4.61 -19.95
CA ILE A 68 0.26 4.81 -20.96
C ILE A 68 1.26 3.66 -21.05
N MET A 69 1.20 2.94 -22.14
CA MET A 69 1.99 1.81 -22.35
C MET A 69 3.25 2.17 -23.10
N LYS A 70 4.37 1.68 -22.58
CA LYS A 70 5.64 1.75 -23.27
C LYS A 70 6.40 0.44 -23.23
N PRO A 71 7.21 0.15 -24.26
CA PRO A 71 8.01 -1.07 -24.31
C PRO A 71 9.22 -1.02 -23.34
N ALA A 72 9.64 -2.20 -22.85
CA ALA A 72 10.80 -2.31 -21.94
C ALA A 72 12.06 -1.68 -22.52
N SER A 73 12.09 -1.35 -23.82
CA SER A 73 13.24 -0.75 -24.40
C SER A 73 13.33 0.78 -24.21
N ILE A 74 12.31 1.41 -23.69
CA ILE A 74 12.32 2.83 -23.41
C ILE A 74 13.55 3.27 -22.60
N SER A 75 14.21 4.35 -23.04
CA SER A 75 15.31 4.82 -22.25
C SER A 75 14.81 5.59 -21.03
N GLU A 76 15.71 5.72 -20.12
CA GLU A 76 15.45 6.44 -18.91
C GLU A 76 15.11 7.89 -19.21
N GLU A 77 15.92 8.49 -20.08
CA GLU A 77 15.65 9.87 -20.62
C GLU A 77 14.30 10.02 -21.27
N GLU A 78 13.89 9.07 -22.10
CA GLU A 78 12.54 9.15 -22.65
C GLU A 78 11.47 9.05 -21.57
N LEU A 79 11.60 8.12 -20.59
CA LEU A 79 10.54 7.99 -19.60
C LEU A 79 10.42 9.31 -18.77
N LEU A 80 11.59 9.86 -18.45
CA LEU A 80 11.65 11.10 -17.69
C LEU A 80 10.99 12.25 -18.46
N ASN A 81 11.21 12.30 -19.77
N ASN A 81 11.21 12.29 -19.77
CA ASN A 81 10.53 13.27 -20.64
CA ASN A 81 10.53 13.25 -20.64
C ASN A 81 9.01 13.13 -20.50
C ASN A 81 9.01 13.13 -20.53
N LEU A 82 8.53 11.89 -20.67
CA LEU A 82 7.11 11.66 -20.51
C LEU A 82 6.59 12.13 -19.15
N ILE A 83 7.31 11.75 -18.07
CA ILE A 83 6.96 12.21 -16.73
C ILE A 83 6.85 13.76 -16.63
N ASN A 84 7.84 14.50 -17.18
CA ASN A 84 7.85 16.00 -17.21
C ASN A 84 6.59 16.59 -17.93
N LYS A 85 6.33 16.01 -19.08
CA LYS A 85 5.11 16.33 -19.81
C LYS A 85 3.84 16.08 -18.96
N LEU A 86 3.75 14.96 -18.23
CA LEU A 86 2.53 14.73 -17.40
C LEU A 86 2.43 15.59 -16.12
N ASN A 87 3.57 15.85 -15.49
CA ASN A 87 3.71 16.80 -14.40
C ASN A 87 3.17 18.15 -14.75
N ASN A 88 3.54 18.61 -15.95
CA ASN A 88 3.13 19.91 -16.48
C ASN A 88 1.78 20.05 -17.15
N ASP A 89 1.07 18.96 -17.36
CA ASP A 89 -0.30 18.98 -17.80
C ASP A 89 -1.24 19.15 -16.62
N ASP A 90 -2.02 20.24 -16.57
CA ASP A 90 -3.02 20.44 -15.47
C ASP A 90 -4.28 19.58 -15.51
N ASN A 91 -4.52 18.84 -16.59
CA ASN A 91 -5.57 17.89 -16.56
C ASN A 91 -5.20 16.66 -15.71
N VAL A 92 -3.90 16.42 -15.47
CA VAL A 92 -3.44 15.22 -14.84
C VAL A 92 -3.32 15.54 -13.33
N ASP A 93 -4.08 14.83 -12.51
CA ASP A 93 -4.02 15.05 -11.05
C ASP A 93 -3.05 14.12 -10.34
N GLY A 94 -3.14 12.85 -10.71
CA GLY A 94 -2.23 11.83 -10.11
C GLY A 94 -1.47 11.14 -11.22
N LEU A 95 -0.22 10.84 -10.90
CA LEU A 95 0.73 10.26 -11.79
C LEU A 95 1.44 9.09 -11.02
N LEU A 96 1.37 7.86 -11.48
CA LEU A 96 2.21 6.82 -10.96
C LEU A 96 2.87 5.97 -12.04
N VAL A 97 4.08 5.52 -11.78
CA VAL A 97 4.76 4.59 -12.59
C VAL A 97 4.75 3.20 -11.90
N GLN A 98 4.14 2.22 -12.54
CA GLN A 98 4.09 0.91 -12.04
C GLN A 98 5.46 0.30 -11.99
N LEU A 99 5.82 -0.32 -10.87
CA LEU A 99 7.10 -0.94 -10.69
C LEU A 99 6.84 -2.47 -10.66
N PRO A 100 7.81 -3.25 -11.11
CA PRO A 100 9.12 -2.83 -11.34
C PRO A 100 9.35 -2.35 -12.80
N LEU A 101 10.45 -1.67 -12.96
CA LEU A 101 10.91 -1.18 -14.25
C LEU A 101 12.07 -2.10 -14.74
N PRO A 102 12.45 -2.06 -16.05
CA PRO A 102 13.62 -2.74 -16.60
C PRO A 102 14.86 -2.35 -15.84
N GLU A 103 15.80 -3.28 -15.83
CA GLU A 103 17.01 -3.11 -15.07
C GLU A 103 17.80 -1.81 -15.45
N HIS A 104 17.78 -1.45 -16.75
CA HIS A 104 18.54 -0.32 -17.24
C HIS A 104 17.99 1.00 -16.76
N ILE A 105 16.85 1.01 -16.07
CA ILE A 105 16.22 2.26 -15.58
C ILE A 105 16.35 2.33 -14.08
N ASP A 106 16.71 3.52 -13.57
CA ASP A 106 16.96 3.71 -12.12
C ASP A 106 15.66 4.15 -11.49
N GLU A 107 15.04 3.26 -10.74
CA GLU A 107 13.71 3.48 -10.15
C GLU A 107 13.61 4.64 -9.22
N ARG A 108 14.64 4.86 -8.42
CA ARG A 108 14.75 6.03 -7.49
C ARG A 108 14.71 7.33 -8.26
N ARG A 109 15.41 7.39 -9.40
CA ARG A 109 15.32 8.59 -10.26
C ARG A 109 13.97 8.89 -10.86
N ILE A 110 13.34 7.86 -11.35
CA ILE A 110 12.03 7.93 -11.87
C ILE A 110 11.02 8.35 -10.79
N CYS A 111 10.99 7.71 -9.63
CA CYS A 111 10.08 8.09 -8.57
C CYS A 111 10.30 9.55 -8.16
N ASN A 112 11.54 10.00 -8.12
CA ASN A 112 11.86 11.37 -7.72
C ASN A 112 11.59 12.39 -8.80
N ALA A 113 11.30 11.97 -10.02
CA ALA A 113 10.87 12.85 -11.07
C ALA A 113 9.37 13.11 -11.08
N VAL A 114 8.56 12.23 -10.47
CA VAL A 114 7.17 12.51 -10.40
C VAL A 114 6.92 13.74 -9.50
N SER A 115 6.07 14.65 -9.91
CA SER A 115 5.85 15.82 -9.08
C SER A 115 5.24 15.47 -7.73
N PRO A 116 5.79 16.03 -6.63
CA PRO A 116 5.29 15.56 -5.31
C PRO A 116 3.77 15.74 -5.15
N ASP A 117 3.24 16.81 -5.73
CA ASP A 117 1.82 17.10 -5.61
C ASP A 117 0.98 16.07 -6.44
N LYS A 118 1.58 15.35 -7.39
CA LYS A 118 0.87 14.35 -8.15
C LYS A 118 1.24 12.88 -7.78
N ASP A 119 2.18 12.70 -6.83
CA ASP A 119 2.81 11.45 -6.47
C ASP A 119 1.89 10.64 -5.58
N VAL A 120 0.93 10.03 -6.26
CA VAL A 120 -0.07 9.29 -5.56
C VAL A 120 0.48 7.96 -5.01
N ASP A 121 1.61 7.46 -5.47
CA ASP A 121 2.28 6.38 -4.73
C ASP A 121 2.99 6.77 -3.44
N GLY A 122 3.29 8.05 -3.23
CA GLY A 122 4.12 8.55 -2.09
C GLY A 122 5.55 8.12 -2.10
N PHE A 123 6.10 7.80 -3.28
CA PHE A 123 7.48 7.35 -3.36
C PHE A 123 8.50 8.48 -3.50
N HIS A 124 8.07 9.72 -3.78
CA HIS A 124 9.04 10.75 -3.99
C HIS A 124 9.73 11.10 -2.67
N VAL A 125 11.04 11.28 -2.72
CA VAL A 125 11.79 11.57 -1.52
C VAL A 125 11.18 12.60 -0.55
N ILE A 126 10.54 13.61 -1.08
CA ILE A 126 9.91 14.63 -0.23
C ILE A 126 8.68 14.07 0.49
N ASN A 127 7.93 13.23 -0.18
CA ASN A 127 6.83 12.56 0.43
C ASN A 127 7.35 11.60 1.50
N VAL A 128 8.48 10.95 1.24
CA VAL A 128 9.08 10.06 2.20
C VAL A 128 9.60 10.82 3.45
N GLY A 129 10.23 11.97 3.18
CA GLY A 129 10.76 12.80 4.28
C GLY A 129 9.68 13.37 5.16
N ARG A 130 8.63 13.85 4.47
CA ARG A 130 7.47 14.40 5.21
C ARG A 130 6.78 13.29 6.09
N MET A 131 6.62 12.10 5.56
CA MET A 131 6.08 10.99 6.34
C MET A 131 6.90 10.64 7.54
N CYS A 132 8.22 10.54 7.32
CA CYS A 132 9.18 10.31 8.37
C CYS A 132 9.26 11.40 9.48
N LEU A 133 8.84 12.59 9.15
CA LEU A 133 8.70 13.68 10.06
C LEU A 133 7.27 13.88 10.58
N ASP A 134 6.40 12.97 10.28
CA ASP A 134 5.01 12.98 10.78
C ASP A 134 4.26 14.26 10.34
N GLN A 135 4.56 14.67 9.12
CA GLN A 135 3.84 15.75 8.50
C GLN A 135 2.88 15.20 7.45
N TYR A 136 1.93 16.02 7.04
CA TYR A 136 1.00 15.61 5.96
C TYR A 136 1.83 15.27 4.76
N SER A 137 1.52 14.17 4.10
CA SER A 137 2.25 13.69 2.92
C SER A 137 1.30 12.82 2.09
N MET A 138 1.66 12.51 0.86
CA MET A 138 0.97 11.46 0.16
C MET A 138 1.51 10.15 0.67
N LEU A 139 0.66 9.33 1.32
CA LEU A 139 1.10 8.08 1.95
C LEU A 139 1.11 6.97 0.91
N PRO A 140 2.07 6.03 0.99
CA PRO A 140 1.96 4.96 0.05
C PRO A 140 0.77 4.10 0.26
N ALA A 141 0.24 3.62 -0.84
CA ALA A 141 -1.07 3.00 -0.84
C ALA A 141 -1.13 1.71 0.03
N THR A 142 -0.17 0.80 -0.13
CA THR A 142 -0.25 -0.44 0.64
C THR A 142 -0.17 -0.26 2.20
N PRO A 143 0.82 0.46 2.69
CA PRO A 143 0.91 0.83 4.05
C PRO A 143 -0.33 1.55 4.55
N TRP A 144 -0.92 2.41 3.73
CA TRP A 144 -2.07 3.13 4.25
C TRP A 144 -3.26 2.10 4.37
N GLY A 145 -3.39 1.25 3.36
CA GLY A 145 -4.36 0.09 3.33
C GLY A 145 -4.21 -0.74 4.61
N VAL A 146 -2.98 -1.01 4.97
CA VAL A 146 -2.73 -1.78 6.17
C VAL A 146 -3.21 -1.04 7.38
N TRP A 147 -2.90 0.24 7.47
N TRP A 147 -2.84 0.26 7.43
CA TRP A 147 -3.37 0.96 8.63
CA TRP A 147 -3.27 1.17 8.50
C TRP A 147 -4.90 1.08 8.64
C TRP A 147 -4.83 1.16 8.60
N GLU A 148 -5.51 1.23 7.46
CA GLU A 148 -6.97 1.27 7.41
C GLU A 148 -7.72 -0.01 7.79
N ILE A 149 -7.20 -1.15 7.37
CA ILE A 149 -7.68 -2.44 7.87
C ILE A 149 -7.71 -2.47 9.42
N ILE A 150 -6.59 -2.09 10.05
CA ILE A 150 -6.45 -2.05 11.51
C ILE A 150 -7.45 -1.05 12.12
N LYS A 151 -7.43 0.18 11.65
CA LYS A 151 -8.30 1.22 12.19
C LYS A 151 -9.81 0.93 11.95
N ARG A 152 -10.20 0.52 10.74
CA ARG A 152 -11.60 0.27 10.49
C ARG A 152 -12.09 -1.00 11.14
N THR A 153 -11.22 -1.96 11.42
CA THR A 153 -11.71 -3.12 12.16
C THR A 153 -11.88 -2.74 13.64
N GLY A 154 -11.30 -1.64 14.08
CA GLY A 154 -11.29 -1.29 15.49
C GLY A 154 -10.24 -1.92 16.38
N ILE A 155 -9.16 -2.37 15.77
CA ILE A 155 -8.04 -2.99 16.49
C ILE A 155 -7.17 -1.85 17.08
N PRO A 156 -7.02 -1.77 18.41
CA PRO A 156 -6.15 -0.75 18.99
C PRO A 156 -4.64 -0.91 18.69
N THR A 157 -3.99 0.22 18.60
CA THR A 157 -2.55 0.30 18.39
C THR A 157 -1.84 0.97 19.55
N LEU A 158 -2.47 1.91 20.23
CA LEU A 158 -1.69 2.74 21.17
C LEU A 158 -1.24 1.83 22.39
N GLY A 159 0.06 1.86 22.66
CA GLY A 159 0.69 1.00 23.66
C GLY A 159 0.78 -0.47 23.29
N LYS A 160 0.42 -0.87 22.06
CA LYS A 160 0.40 -2.27 21.72
C LYS A 160 1.71 -2.64 21.06
N ASN A 161 2.01 -3.97 21.05
CA ASN A 161 3.24 -4.50 20.45
C ASN A 161 2.93 -4.90 19.01
N VAL A 162 3.66 -4.35 18.07
CA VAL A 162 3.55 -4.66 16.68
C VAL A 162 4.88 -5.23 16.16
N VAL A 163 4.86 -6.37 15.46
CA VAL A 163 6.00 -6.79 14.68
C VAL A 163 5.68 -6.67 13.18
N VAL A 164 6.62 -6.05 12.49
CA VAL A 164 6.65 -5.92 11.03
C VAL A 164 7.82 -6.79 10.50
N ALA A 165 7.47 -7.82 9.74
CA ALA A 165 8.48 -8.60 9.04
C ALA A 165 8.68 -7.96 7.62
N GLY A 166 9.76 -7.17 7.47
CA GLY A 166 10.11 -6.60 6.17
C GLY A 166 10.38 -5.16 6.42
N ARG A 167 11.39 -4.63 5.70
CA ARG A 167 11.89 -3.28 5.93
C ARG A 167 11.97 -2.47 4.54
N SER A 168 11.19 -2.90 3.55
CA SER A 168 11.28 -2.31 2.21
C SER A 168 10.79 -0.87 2.24
N LYS A 169 11.42 -0.06 1.41
CA LYS A 169 11.09 1.38 1.45
C LYS A 169 9.64 1.65 0.99
N ASN A 170 9.08 0.82 0.13
CA ASN A 170 7.69 0.95 -0.32
C ASN A 170 6.59 0.37 0.59
N VAL A 171 6.95 -0.63 1.40
CA VAL A 171 5.93 -1.33 2.21
C VAL A 171 6.33 -1.36 3.69
N GLY A 172 7.32 -2.20 4.04
CA GLY A 172 7.73 -2.37 5.45
C GLY A 172 8.08 -1.15 6.28
N MET A 173 8.94 -0.26 5.73
CA MET A 173 9.38 0.94 6.41
C MET A 173 8.20 1.90 6.65
N PRO A 174 7.39 2.27 5.62
CA PRO A 174 6.26 3.08 5.93
C PRO A 174 5.27 2.49 6.92
N ILE A 175 5.06 1.15 6.90
CA ILE A 175 4.14 0.52 7.84
C ILE A 175 4.65 0.73 9.26
N ALA A 176 5.91 0.43 9.41
CA ALA A 176 6.51 0.70 10.74
C ALA A 176 6.46 2.17 11.16
N MET A 177 6.59 3.11 10.19
CA MET A 177 6.68 4.47 10.55
C MET A 177 5.31 5.01 11.02
N LEU A 178 4.31 4.67 10.27
CA LEU A 178 2.96 5.06 10.59
C LEU A 178 2.54 4.48 11.92
N LEU A 179 2.89 3.21 12.17
CA LEU A 179 2.33 2.58 13.37
C LEU A 179 2.96 3.00 14.70
N HIS A 180 4.21 3.39 14.68
CA HIS A 180 4.97 3.76 15.86
C HIS A 180 4.88 5.17 16.33
N THR A 181 4.41 6.06 15.43
CA THR A 181 4.53 7.46 15.64
C THR A 181 3.37 8.09 16.45
N ASP A 182 3.61 9.32 16.89
CA ASP A 182 2.72 10.07 17.76
C ASP A 182 1.37 10.46 17.15
N GLY A 183 0.29 10.07 17.86
CA GLY A 183 -1.08 10.34 17.50
C GLY A 183 -1.34 11.82 17.58
N ALA A 184 -0.54 12.56 18.33
CA ALA A 184 -0.68 14.00 18.47
C ALA A 184 0.07 14.84 17.39
N HIS A 185 0.80 14.19 16.47
CA HIS A 185 1.50 14.93 15.44
C HIS A 185 0.62 15.35 14.24
N GLU A 186 1.17 16.16 13.34
CA GLU A 186 0.42 16.74 12.26
C GLU A 186 -0.28 15.63 11.44
N ARG A 187 0.47 14.60 11.01
CA ARG A 187 -0.08 13.37 10.54
C ARG A 187 -0.03 12.36 11.74
N PRO A 188 -1.19 12.02 12.34
CA PRO A 188 -1.15 11.16 13.56
C PRO A 188 -0.63 9.75 13.22
N GLY A 189 0.21 9.19 14.07
CA GLY A 189 0.55 7.81 14.00
C GLY A 189 -0.21 6.91 15.02
N GLY A 190 0.19 5.64 15.07
CA GLY A 190 -0.47 4.60 15.91
C GLY A 190 -0.03 4.47 17.37
N ASP A 191 1.10 5.04 17.74
CA ASP A 191 1.59 5.01 19.11
C ASP A 191 1.86 3.55 19.58
N ALA A 192 2.14 2.62 18.66
CA ALA A 192 2.48 1.28 18.98
C ALA A 192 3.99 1.15 19.22
N THR A 193 4.37 0.17 20.04
CA THR A 193 5.76 -0.28 20.21
C THR A 193 6.08 -1.24 19.02
N VAL A 194 7.00 -0.82 18.13
CA VAL A 194 7.17 -1.52 16.83
C VAL A 194 8.54 -2.13 16.74
N THR A 195 8.54 -3.42 16.41
CA THR A 195 9.77 -4.15 16.07
C THR A 195 9.86 -4.38 14.52
N ILE A 196 10.98 -3.95 13.92
CA ILE A 196 11.27 -4.11 12.53
C ILE A 196 12.18 -5.28 12.41
N SER A 197 11.70 -6.31 11.73
CA SER A 197 12.53 -7.45 11.36
C SER A 197 12.69 -7.58 9.88
N HIS A 198 13.67 -8.37 9.42
CA HIS A 198 14.05 -8.39 7.98
C HIS A 198 14.87 -9.71 7.69
N ARG A 199 15.54 -9.72 6.54
CA ARG A 199 16.24 -10.91 6.04
C ARG A 199 17.39 -11.38 7.01
N TYR A 200 17.97 -10.49 7.83
CA TYR A 200 19.04 -10.91 8.78
C TYR A 200 18.54 -11.17 10.23
N THR A 201 17.24 -11.10 10.45
CA THR A 201 16.65 -11.47 11.76
C THR A 201 16.60 -12.97 11.81
N PRO A 202 17.33 -13.59 12.79
CA PRO A 202 17.22 -15.05 12.86
C PRO A 202 15.84 -15.50 13.16
N LYS A 203 15.40 -16.62 12.59
CA LYS A 203 14.03 -17.11 12.85
C LYS A 203 13.71 -17.19 14.36
N GLU A 204 14.71 -17.57 15.12
CA GLU A 204 14.55 -17.68 16.55
C GLU A 204 14.16 -16.36 17.18
N GLN A 205 14.81 -15.30 16.71
CA GLN A 205 14.52 -13.96 17.26
C GLN A 205 13.21 -13.37 16.71
N LEU A 206 12.91 -13.67 15.44
CA LEU A 206 11.62 -13.34 14.96
C LEU A 206 10.54 -13.92 15.86
N LYS A 207 10.60 -15.23 16.22
CA LYS A 207 9.55 -15.83 17.04
C LYS A 207 9.49 -15.21 18.42
N LYS A 208 10.63 -14.96 19.04
CA LYS A 208 10.58 -14.37 20.38
C LYS A 208 9.94 -12.98 20.44
N HIS A 209 9.99 -12.24 19.33
CA HIS A 209 9.22 -10.98 19.23
C HIS A 209 7.81 -11.14 18.79
N THR A 210 7.55 -12.05 17.84
CA THR A 210 6.18 -12.16 17.40
C THR A 210 5.29 -12.71 18.51
N ILE A 211 5.90 -13.52 19.39
CA ILE A 211 5.13 -14.09 20.45
C ILE A 211 4.63 -13.05 21.50
N LEU A 212 5.29 -11.91 21.61
CA LEU A 212 4.82 -10.75 22.42
C LEU A 212 3.80 -9.83 21.68
N ALA A 213 3.60 -10.05 20.42
CA ALA A 213 2.90 -9.09 19.57
C ALA A 213 1.39 -9.20 19.68
N ASP A 214 0.75 -8.03 19.72
CA ASP A 214 -0.66 -7.90 19.58
C ASP A 214 -1.05 -7.82 18.14
N ILE A 215 -0.13 -7.31 17.33
CA ILE A 215 -0.34 -7.30 15.88
C ILE A 215 0.93 -7.68 15.18
N VAL A 216 0.81 -8.55 14.21
CA VAL A 216 1.94 -8.96 13.44
C VAL A 216 1.64 -8.63 12.03
N ILE A 217 2.56 -7.95 11.36
CA ILE A 217 2.27 -7.54 9.91
C ILE A 217 3.38 -8.11 9.03
N SER A 218 3.02 -8.99 8.08
CA SER A 218 4.07 -9.70 7.35
C SER A 218 4.17 -9.20 5.95
N ALA A 219 5.35 -8.72 5.60
CA ALA A 219 5.60 -8.19 4.29
C ALA A 219 6.96 -8.60 3.82
N ALA A 220 7.18 -9.91 3.83
CA ALA A 220 8.48 -10.49 3.46
C ALA A 220 8.48 -11.24 2.17
N GLY A 221 7.36 -11.72 1.71
CA GLY A 221 7.38 -12.56 0.48
C GLY A 221 8.03 -13.92 0.79
N ILE A 222 7.63 -14.54 1.89
CA ILE A 222 8.05 -15.85 2.23
C ILE A 222 6.88 -16.68 2.69
N PRO A 223 6.57 -17.79 1.95
CA PRO A 223 5.41 -18.59 2.38
C PRO A 223 5.60 -19.23 3.68
N ASN A 224 4.52 -19.29 4.49
CA ASN A 224 4.59 -19.89 5.86
C ASN A 224 5.64 -19.28 6.78
N LEU A 225 5.92 -18.00 6.61
CA LEU A 225 6.90 -17.41 7.44
C LEU A 225 6.30 -17.29 8.84
N ILE A 226 4.98 -17.07 8.90
CA ILE A 226 4.24 -16.90 10.18
C ILE A 226 3.34 -18.08 10.34
N THR A 227 3.64 -18.78 11.43
CA THR A 227 2.92 -19.99 11.86
C THR A 227 2.32 -19.78 13.25
N ALA A 228 1.35 -20.67 13.59
CA ALA A 228 0.59 -20.61 14.90
C ALA A 228 1.44 -20.52 16.17
N ASP A 229 2.54 -21.26 16.23
CA ASP A 229 3.41 -21.24 17.41
C ASP A 229 4.19 -19.89 17.63
N MET A 230 4.23 -19.04 16.57
CA MET A 230 4.85 -17.73 16.61
C MET A 230 3.95 -16.58 17.10
N ILE A 231 2.63 -16.84 17.25
CA ILE A 231 1.50 -15.87 17.42
C ILE A 231 0.98 -16.03 18.81
N LYS A 232 0.66 -14.96 19.52
CA LYS A 232 -0.08 -15.19 20.76
C LYS A 232 -1.55 -15.19 20.42
N GLU A 233 -2.23 -15.91 21.29
CA GLU A 233 -3.61 -16.21 21.11
C GLU A 233 -4.32 -14.87 21.15
N GLY A 234 -5.15 -14.61 20.15
CA GLY A 234 -5.92 -13.39 20.10
C GLY A 234 -5.27 -12.28 19.27
N ALA A 235 -3.99 -12.47 18.89
CA ALA A 235 -3.27 -11.52 18.03
C ALA A 235 -3.99 -11.23 16.67
N ALA A 236 -3.79 -10.02 16.19
CA ALA A 236 -4.17 -9.62 14.81
C ALA A 236 -2.98 -9.88 13.86
N VAL A 237 -3.26 -10.59 12.78
CA VAL A 237 -2.29 -11.02 11.81
C VAL A 237 -2.68 -10.50 10.45
N ILE A 238 -1.90 -9.55 9.96
CA ILE A 238 -2.14 -8.85 8.67
C ILE A 238 -1.11 -9.34 7.64
N ASP A 239 -1.59 -10.00 6.60
CA ASP A 239 -0.70 -10.67 5.60
C ASP A 239 -0.59 -9.84 4.30
N VAL A 240 0.55 -9.15 4.18
CA VAL A 240 0.81 -8.29 3.01
C VAL A 240 1.55 -9.11 1.97
N GLY A 241 2.20 -10.22 2.28
CA GLY A 241 2.89 -11.00 1.25
C GLY A 241 2.10 -11.50 0.04
N ILE A 242 2.79 -11.66 -1.08
CA ILE A 242 2.21 -12.18 -2.32
C ILE A 242 3.29 -13.11 -2.84
N ASN A 243 2.94 -14.38 -2.93
CA ASN A 243 3.89 -15.43 -3.24
C ASN A 243 3.24 -16.38 -4.23
N ARG A 244 3.95 -16.58 -5.35
CA ARG A 244 3.55 -17.59 -6.34
C ARG A 244 4.24 -18.89 -5.93
N VAL A 245 3.45 -19.93 -5.70
CA VAL A 245 3.91 -21.23 -5.22
C VAL A 245 3.24 -22.27 -6.12
N HIS A 246 3.43 -23.56 -5.81
CA HIS A 246 2.86 -24.70 -6.59
C HIS A 246 2.07 -25.69 -5.72
N LYS A 252 0.05 -26.68 -10.58
CA LYS A 252 -0.25 -25.38 -11.16
C LYS A 252 0.33 -24.21 -10.29
N PRO A 253 0.59 -23.00 -10.88
CA PRO A 253 1.03 -21.83 -10.07
C PRO A 253 -0.10 -21.35 -9.19
N LYS A 254 0.19 -20.98 -7.95
CA LYS A 254 -0.87 -20.59 -7.02
C LYS A 254 -0.45 -19.34 -6.21
N LEU A 255 -1.39 -18.55 -5.70
CA LEU A 255 -1.07 -17.36 -4.92
C LEU A 255 -1.25 -17.66 -3.38
N VAL A 256 -0.22 -17.46 -2.54
CA VAL A 256 -0.40 -17.51 -1.05
C VAL A 256 0.30 -16.30 -0.45
N GLY A 257 -0.04 -16.06 0.81
CA GLY A 257 0.54 -15.00 1.61
C GLY A 257 1.81 -15.48 2.33
N ASP A 258 2.27 -14.67 3.25
CA ASP A 258 3.41 -15.03 4.08
C ASP A 258 2.93 -15.90 5.29
N VAL A 259 1.66 -15.96 5.50
CA VAL A 259 1.11 -16.53 6.74
C VAL A 259 0.56 -17.90 6.47
N ASP A 260 0.79 -18.84 7.39
CA ASP A 260 0.13 -20.15 7.28
C ASP A 260 -1.30 -19.93 7.70
N PHE A 261 -2.14 -19.60 6.77
CA PHE A 261 -3.48 -19.14 7.13
C PHE A 261 -4.30 -20.22 7.92
N GLU A 262 -4.27 -21.41 7.40
CA GLU A 262 -5.05 -22.49 8.01
C GLU A 262 -4.62 -22.74 9.51
N GLY A 263 -3.32 -22.73 9.81
CA GLY A 263 -2.92 -22.87 11.21
C GLY A 263 -3.20 -21.64 12.04
N VAL A 264 -2.86 -20.48 11.49
CA VAL A 264 -2.94 -19.27 12.28
C VAL A 264 -4.36 -18.82 12.54
N ARG A 265 -5.31 -19.17 11.66
N ARG A 265 -5.31 -19.16 11.66
CA ARG A 265 -6.76 -18.84 11.88
CA ARG A 265 -6.74 -18.81 11.91
C ARG A 265 -7.39 -19.53 13.12
C ARG A 265 -7.32 -19.41 13.23
N GLN A 266 -6.64 -20.44 13.74
CA GLN A 266 -7.08 -21.21 14.92
C GLN A 266 -6.54 -20.58 16.15
N LYS A 267 -5.62 -19.65 16.01
CA LYS A 267 -4.91 -19.10 17.19
C LYS A 267 -5.12 -17.57 17.29
N ALA A 268 -5.12 -16.88 16.14
CA ALA A 268 -5.28 -15.37 16.08
C ALA A 268 -6.70 -14.90 16.37
N GLY A 269 -6.86 -13.67 16.83
CA GLY A 269 -8.18 -12.99 16.95
C GLY A 269 -8.69 -12.48 15.57
N TYR A 270 -7.74 -12.01 14.76
CA TYR A 270 -8.02 -11.47 13.43
C TYR A 270 -6.96 -11.89 12.46
N ILE A 271 -7.39 -12.18 11.27
CA ILE A 271 -6.43 -12.54 10.27
C ILE A 271 -6.93 -11.98 8.87
N THR A 272 -6.01 -11.61 7.98
CA THR A 272 -6.39 -11.23 6.53
C THR A 272 -5.98 -12.34 5.56
N PRO A 273 -6.85 -12.72 4.64
CA PRO A 273 -6.52 -13.70 3.63
C PRO A 273 -5.75 -13.07 2.46
N VAL A 274 -5.16 -13.93 1.67
CA VAL A 274 -4.42 -13.60 0.47
C VAL A 274 -4.85 -14.67 -0.49
N PRO A 275 -5.52 -14.33 -1.59
CA PRO A 275 -5.99 -12.98 -1.90
C PRO A 275 -7.12 -12.55 -1.03
N GLY A 276 -7.61 -11.36 -1.32
CA GLY A 276 -8.77 -10.75 -0.71
C GLY A 276 -8.52 -10.01 0.55
N GLY A 277 -7.27 -9.69 0.87
CA GLY A 277 -7.02 -8.94 2.09
C GLY A 277 -6.47 -7.55 1.81
N VAL A 278 -5.20 -7.42 2.02
CA VAL A 278 -4.53 -6.13 1.81
C VAL A 278 -4.59 -5.69 0.30
N GLY A 279 -4.48 -6.62 -0.60
CA GLY A 279 -4.57 -6.32 -2.04
C GLY A 279 -5.62 -5.27 -2.49
N PRO A 280 -6.90 -5.55 -2.18
CA PRO A 280 -7.93 -4.63 -2.61
C PRO A 280 -7.83 -3.31 -1.92
N MET A 281 -7.30 -3.33 -0.68
CA MET A 281 -7.05 -2.12 0.07
C MET A 281 -5.97 -1.22 -0.56
N THR A 282 -4.97 -1.83 -1.16
CA THR A 282 -3.92 -1.17 -1.86
C THR A 282 -4.53 -0.26 -2.97
N VAL A 283 -5.51 -0.80 -3.69
CA VAL A 283 -6.10 -0.17 -4.83
C VAL A 283 -7.08 0.90 -4.32
N ALA A 284 -7.86 0.63 -3.29
CA ALA A 284 -8.77 1.61 -2.79
C ALA A 284 -8.10 2.88 -2.26
N MET A 285 -6.99 2.74 -1.53
CA MET A 285 -6.32 3.85 -0.95
C MET A 285 -5.66 4.71 -2.04
N LEU A 286 -5.24 4.08 -3.11
CA LEU A 286 -4.73 4.79 -4.27
C LEU A 286 -5.85 5.71 -4.79
N MET A 287 -7.06 5.21 -4.83
CA MET A 287 -8.22 6.04 -5.16
C MET A 287 -8.37 7.26 -4.28
N LYS A 288 -8.17 7.04 -3.03
CA LYS A 288 -8.23 8.11 -2.08
C LYS A 288 -7.11 9.17 -2.32
N ASN A 289 -5.92 8.76 -2.65
CA ASN A 289 -4.82 9.66 -2.86
C ASN A 289 -5.05 10.51 -4.14
N THR A 290 -5.82 9.97 -5.09
CA THR A 290 -6.07 10.62 -6.36
C THR A 290 -7.02 11.79 -6.17
N ILE A 291 -8.10 11.57 -5.46
CA ILE A 291 -8.93 12.66 -5.09
C ILE A 291 -8.18 13.68 -4.23
N ILE A 292 -7.26 13.22 -3.35
CA ILE A 292 -6.52 14.16 -2.56
C ILE A 292 -5.60 15.04 -3.42
N ALA A 293 -4.90 14.44 -4.37
CA ALA A 293 -4.07 15.18 -5.33
C ALA A 293 -4.93 16.18 -6.18
N ALA A 294 -6.10 15.74 -6.60
CA ALA A 294 -7.03 16.60 -7.37
C ALA A 294 -7.51 17.79 -6.54
N LYS A 295 -7.74 17.63 -5.25
CA LYS A 295 -8.29 18.76 -4.49
C LYS A 295 -7.19 19.68 -4.14
N LYS A 296 -5.94 19.29 -4.38
CA LYS A 296 -4.79 20.13 -4.12
C LYS A 296 -4.78 20.51 -2.66
N VAL A 297 -5.12 19.58 -1.77
CA VAL A 297 -5.19 19.93 -0.34
C VAL A 297 -3.82 19.84 0.37
N LEU A 298 -2.81 19.17 -0.22
CA LEU A 298 -1.41 19.33 0.27
C LEU A 298 -0.67 20.47 -0.48
#